data_6FQU
#
_entry.id   6FQU
#
_cell.length_a   35.258
_cell.length_b   49.762
_cell.length_c   80.576
_cell.angle_alpha   90.00
_cell.angle_beta   90.00
_cell.angle_gamma   90.00
#
_symmetry.space_group_name_H-M   'P 21 21 21'
#
loop_
_entity.id
_entity.type
_entity.pdbx_description
1 polymer 'CREB-binding protein'
2 non-polymer 1-[3-[3-[3,3-bis(fluoranyl)piperidin-1-yl]phenyl]-4-ethoxy-phenyl]ethanone
3 water water
#
_entity_poly.entity_id   1
_entity_poly.type   'polypeptide(L)'
_entity_poly.pdbx_seq_one_letter_code
;SMRKKIFKPEELRQALMPTLEALYRQDPESLPFRQPVDPQLLGIPDYFDIVKNPMDLSTIKRKLDTGQYQEPWQYVDDVW
LMFNNAWLYNRKTSRVYKFCSKLAEVFEQEIDPVMQSLG
;
_entity_poly.pdbx_strand_id   A
#
loop_
_chem_comp.id
_chem_comp.type
_chem_comp.name
_chem_comp.formula
E3B non-polymer 1-[3-[3-[3,3-bis(fluoranyl)piperidin-1-yl]phenyl]-4-ethoxy-phenyl]ethanone 'C21 H23 F2 N O2'
#
# COMPACT_ATOMS: atom_id res chain seq x y z
N LYS A 4 16.44 16.49 14.43
CA LYS A 4 15.51 16.12 13.37
C LYS A 4 16.15 15.10 12.43
N LYS A 5 15.68 13.85 12.53
CA LYS A 5 16.29 12.76 11.77
C LYS A 5 16.05 12.94 10.28
N ILE A 6 17.12 12.83 9.51
CA ILE A 6 17.06 12.83 8.04
C ILE A 6 17.21 11.40 7.58
N PHE A 7 16.25 10.93 6.78
CA PHE A 7 16.27 9.56 6.28
C PHE A 7 16.78 9.56 4.84
N LYS A 8 17.81 8.77 4.57
N LYS A 8 17.80 8.77 4.57
CA LYS A 8 18.34 8.65 3.22
CA LYS A 8 18.33 8.65 3.22
C LYS A 8 17.46 7.71 2.40
C LYS A 8 17.46 7.71 2.40
N PRO A 9 17.36 7.93 1.08
CA PRO A 9 16.48 7.08 0.27
C PRO A 9 16.79 5.60 0.34
N GLU A 10 18.07 5.21 0.37
CA GLU A 10 18.40 3.79 0.45
C GLU A 10 18.11 3.22 1.83
N GLU A 11 18.23 4.02 2.89
CA GLU A 11 17.81 3.58 4.22
C GLU A 11 16.32 3.27 4.24
N LEU A 12 15.50 4.14 3.63
CA LEU A 12 14.07 3.87 3.58
C LEU A 12 13.77 2.65 2.72
N ARG A 13 14.47 2.49 1.60
CA ARG A 13 14.19 1.35 0.74
C ARG A 13 14.55 0.03 1.45
N GLN A 14 15.71 -0.01 2.10
CA GLN A 14 16.13 -1.23 2.78
C GLN A 14 15.19 -1.59 3.92
N ALA A 15 14.68 -0.60 4.65
CA ALA A 15 13.78 -0.88 5.78
C ALA A 15 12.35 -1.17 5.34
N LEU A 16 11.83 -0.42 4.38
CA LEU A 16 10.41 -0.47 4.07
C LEU A 16 10.05 -1.41 2.92
N MET A 17 10.94 -1.63 1.96
CA MET A 17 10.60 -2.53 0.86
C MET A 17 10.21 -3.93 1.34
N PRO A 18 10.86 -4.53 2.35
CA PRO A 18 10.40 -5.84 2.83
C PRO A 18 8.97 -5.85 3.32
N THR A 19 8.47 -4.73 3.88
CA THR A 19 7.08 -4.70 4.31
C THR A 19 6.14 -4.68 3.11
N LEU A 20 6.52 -4.02 2.02
CA LEU A 20 5.73 -4.07 0.81
C LEU A 20 5.76 -5.45 0.18
N GLU A 21 6.94 -6.08 0.15
CA GLU A 21 7.05 -7.44 -0.36
C GLU A 21 6.17 -8.41 0.41
N ALA A 22 6.01 -8.20 1.72
CA ALA A 22 5.13 -9.06 2.51
C ALA A 22 3.69 -8.96 2.04
N LEU A 23 3.26 -7.79 1.59
CA LEU A 23 1.92 -7.68 1.03
C LEU A 23 1.83 -8.39 -0.32
N TYR A 24 2.80 -8.16 -1.20
N TYR A 24 2.82 -8.19 -1.19
CA TYR A 24 2.82 -8.84 -2.50
CA TYR A 24 2.81 -8.84 -2.50
C TYR A 24 2.73 -10.36 -2.34
C TYR A 24 2.79 -10.37 -2.38
N ARG A 25 3.38 -10.91 -1.30
CA ARG A 25 3.42 -12.36 -1.12
C ARG A 25 2.07 -12.95 -0.76
N GLN A 26 1.11 -12.13 -0.32
CA GLN A 26 -0.21 -12.68 0.01
C GLN A 26 -0.98 -12.97 -1.27
N ASP A 27 -1.36 -14.21 -1.43
CA ASP A 27 -2.01 -14.71 -2.62
C ASP A 27 -3.13 -15.62 -2.14
N PRO A 28 -4.40 -15.34 -2.48
CA PRO A 28 -4.88 -14.39 -3.50
C PRO A 28 -5.03 -12.94 -3.06
N GLU A 29 -4.72 -12.59 -1.80
CA GLU A 29 -5.25 -11.35 -1.27
C GLU A 29 -4.64 -10.10 -1.90
N SER A 30 -3.39 -10.17 -2.37
CA SER A 30 -2.80 -8.98 -2.99
C SER A 30 -3.19 -8.77 -4.45
N LEU A 31 -3.83 -9.76 -5.07
CA LEU A 31 -4.08 -9.67 -6.51
C LEU A 31 -4.80 -8.39 -6.94
N PRO A 32 -5.85 -7.92 -6.25
CA PRO A 32 -6.52 -6.67 -6.68
C PRO A 32 -5.68 -5.42 -6.52
N PHE A 33 -4.54 -5.49 -5.82
CA PHE A 33 -3.78 -4.32 -5.41
C PHE A 33 -2.44 -4.21 -6.10
N ARG A 34 -2.08 -5.15 -6.96
CA ARG A 34 -0.75 -5.16 -7.54
C ARG A 34 -0.55 -4.13 -8.65
N GLN A 35 -1.62 -3.65 -9.26
CA GLN A 35 -1.55 -2.69 -10.34
C GLN A 35 -2.64 -1.65 -10.13
N PRO A 36 -2.50 -0.46 -10.72
CA PRO A 36 -3.57 0.54 -10.57
C PRO A 36 -4.90 -0.01 -11.08
N VAL A 37 -5.98 0.34 -10.37
CA VAL A 37 -7.32 -0.02 -10.82
C VAL A 37 -7.56 0.57 -12.20
N ASP A 38 -8.01 -0.28 -13.14
CA ASP A 38 -8.36 0.14 -14.50
C ASP A 38 -9.88 0.02 -14.60
N PRO A 39 -10.63 1.11 -14.37
CA PRO A 39 -12.10 0.98 -14.30
C PRO A 39 -12.74 0.49 -15.59
N GLN A 40 -12.23 0.92 -16.74
CA GLN A 40 -12.77 0.45 -18.01
C GLN A 40 -12.60 -1.06 -18.14
N LEU A 41 -11.40 -1.56 -17.90
CA LEU A 41 -11.13 -2.98 -18.02
C LEU A 41 -11.96 -3.80 -17.03
N LEU A 42 -12.14 -3.28 -15.82
CA LEU A 42 -12.85 -4.02 -14.78
C LEU A 42 -14.36 -3.84 -14.85
N GLY A 43 -14.86 -2.96 -15.71
CA GLY A 43 -16.30 -2.75 -15.80
C GLY A 43 -16.88 -1.98 -14.64
N ILE A 44 -16.10 -1.11 -14.01
CA ILE A 44 -16.57 -0.31 -12.88
C ILE A 44 -16.37 1.18 -13.17
N PRO A 45 -17.08 1.73 -14.15
CA PRO A 45 -16.82 3.12 -14.56
C PRO A 45 -17.09 4.17 -13.50
N ASP A 46 -17.78 3.85 -12.41
CA ASP A 46 -17.97 4.81 -11.33
C ASP A 46 -16.77 4.95 -10.40
N TYR A 47 -15.70 4.19 -10.63
CA TYR A 47 -14.61 4.10 -9.64
C TYR A 47 -14.00 5.47 -9.33
N PHE A 48 -13.62 6.23 -10.36
CA PHE A 48 -12.98 7.52 -10.11
C PHE A 48 -13.96 8.58 -9.61
N ASP A 49 -15.26 8.32 -9.70
CA ASP A 49 -16.23 9.21 -9.07
C ASP A 49 -16.21 9.06 -7.55
N ILE A 50 -15.76 7.92 -7.05
CA ILE A 50 -15.78 7.60 -5.62
C ILE A 50 -14.40 7.70 -5.01
N VAL A 51 -13.38 7.25 -5.72
CA VAL A 51 -12.01 7.21 -5.23
C VAL A 51 -11.26 8.35 -5.93
N LYS A 52 -10.96 9.41 -5.17
CA LYS A 52 -10.34 10.60 -5.74
C LYS A 52 -8.82 10.52 -5.82
N ASN A 53 -8.20 9.70 -4.97
CA ASN A 53 -6.74 9.59 -4.89
C ASN A 53 -6.35 8.12 -4.97
N PRO A 54 -6.32 7.55 -6.16
CA PRO A 54 -5.98 6.12 -6.29
C PRO A 54 -4.57 5.81 -5.81
N MET A 55 -4.38 4.57 -5.35
CA MET A 55 -3.08 4.12 -4.89
C MET A 55 -3.04 2.60 -4.95
N ASP A 56 -1.86 2.04 -5.25
CA ASP A 56 -1.70 0.59 -5.38
C ASP A 56 -0.25 0.23 -5.08
N LEU A 57 0.00 -1.08 -4.98
CA LEU A 57 1.33 -1.56 -4.60
C LEU A 57 2.41 -1.13 -5.58
N SER A 58 2.14 -1.20 -6.89
CA SER A 58 3.17 -0.87 -7.86
C SER A 58 3.53 0.61 -7.80
N THR A 59 2.56 1.47 -7.50
CA THR A 59 2.86 2.89 -7.37
C THR A 59 3.71 3.15 -6.13
N ILE A 60 3.38 2.50 -5.02
CA ILE A 60 4.16 2.65 -3.79
C ILE A 60 5.58 2.15 -4.02
N LYS A 61 5.74 1.01 -4.69
CA LYS A 61 7.07 0.48 -4.96
C LYS A 61 7.89 1.45 -5.78
N ARG A 62 7.29 2.05 -6.80
CA ARG A 62 7.98 3.03 -7.63
C ARG A 62 8.39 4.25 -6.81
N LYS A 63 7.53 4.69 -5.91
CA LYS A 63 7.87 5.83 -5.05
C LYS A 63 9.06 5.52 -4.15
N LEU A 64 9.12 4.32 -3.60
CA LEU A 64 10.28 3.90 -2.81
C LEU A 64 11.53 3.84 -3.67
N ASP A 65 11.42 3.31 -4.90
CA ASP A 65 12.59 3.15 -5.76
C ASP A 65 13.12 4.49 -6.28
N THR A 66 12.25 5.50 -6.36
CA THR A 66 12.63 6.81 -6.89
C THR A 66 12.77 7.88 -5.80
N GLY A 67 12.83 7.46 -4.53
CA GLY A 67 13.13 8.38 -3.46
C GLY A 67 12.08 9.44 -3.19
N GLN A 68 10.81 9.11 -3.39
N GLN A 68 10.81 9.11 -3.40
CA GLN A 68 9.73 10.08 -3.24
CA GLN A 68 9.74 10.09 -3.24
C GLN A 68 9.17 10.17 -1.83
C GLN A 68 9.34 10.30 -1.78
N TYR A 69 9.69 9.39 -0.89
CA TYR A 69 9.34 9.50 0.52
C TYR A 69 10.52 10.09 1.28
N GLN A 70 10.28 11.16 2.04
CA GLN A 70 11.30 11.70 2.93
C GLN A 70 11.23 11.12 4.33
N GLU A 71 10.08 10.62 4.75
CA GLU A 71 9.85 10.14 6.10
C GLU A 71 9.05 8.84 6.03
N PRO A 72 9.29 7.91 6.96
CA PRO A 72 8.53 6.65 6.94
C PRO A 72 7.02 6.84 7.00
N TRP A 73 6.53 7.84 7.73
CA TRP A 73 5.08 8.03 7.85
C TRP A 73 4.42 8.33 6.51
N GLN A 74 5.17 8.90 5.55
CA GLN A 74 4.59 9.16 4.23
C GLN A 74 4.32 7.85 3.49
N TYR A 75 5.20 6.87 3.66
CA TYR A 75 4.99 5.54 3.09
C TYR A 75 3.79 4.86 3.74
N VAL A 76 3.71 4.92 5.07
CA VAL A 76 2.58 4.36 5.78
C VAL A 76 1.28 4.99 5.31
N ASP A 77 1.29 6.32 5.10
CA ASP A 77 0.09 7.01 4.62
C ASP A 77 -0.36 6.48 3.26
N ASP A 78 0.57 6.18 2.35
CA ASP A 78 0.17 5.68 1.04
C ASP A 78 -0.41 4.27 1.14
N VAL A 79 0.18 3.41 1.97
CA VAL A 79 -0.37 2.06 2.16
C VAL A 79 -1.78 2.16 2.72
N TRP A 80 -1.98 3.05 3.70
CA TRP A 80 -3.30 3.21 4.31
C TRP A 80 -4.30 3.86 3.36
N LEU A 81 -3.84 4.74 2.47
CA LEU A 81 -4.71 5.27 1.42
C LEU A 81 -5.21 4.15 0.52
N MET A 82 -4.34 3.22 0.13
CA MET A 82 -4.76 2.07 -0.66
C MET A 82 -5.83 1.27 0.06
N PHE A 83 -5.63 0.99 1.35
CA PHE A 83 -6.64 0.25 2.12
C PHE A 83 -7.95 1.02 2.20
N ASN A 84 -7.87 2.30 2.56
CA ASN A 84 -9.09 3.09 2.75
C ASN A 84 -9.87 3.21 1.45
N ASN A 85 -9.18 3.32 0.31
CA ASN A 85 -9.88 3.37 -0.98
C ASN A 85 -10.65 2.08 -1.20
N ALA A 86 -10.07 0.93 -0.87
CA ALA A 86 -10.74 -0.34 -1.11
C ALA A 86 -11.92 -0.56 -0.18
N TRP A 87 -11.79 -0.17 1.09
CA TRP A 87 -12.92 -0.30 2.01
C TRP A 87 -14.04 0.68 1.65
N LEU A 88 -13.69 1.83 1.11
CA LEU A 88 -14.69 2.81 0.69
C LEU A 88 -15.45 2.32 -0.54
N TYR A 89 -14.73 1.88 -1.56
CA TYR A 89 -15.36 1.56 -2.84
C TYR A 89 -16.13 0.25 -2.80
N ASN A 90 -15.56 -0.79 -2.21
CA ASN A 90 -16.08 -2.13 -2.36
C ASN A 90 -17.07 -2.47 -1.24
N ARG A 91 -18.01 -3.35 -1.56
CA ARG A 91 -18.98 -3.80 -0.56
C ARG A 91 -18.31 -4.75 0.45
N LYS A 92 -18.87 -4.76 1.67
CA LYS A 92 -18.30 -5.55 2.76
C LYS A 92 -18.26 -7.05 2.44
N THR A 93 -19.17 -7.53 1.59
CA THR A 93 -19.20 -8.95 1.22
C THR A 93 -18.25 -9.32 0.08
N SER A 94 -17.60 -8.35 -0.54
CA SER A 94 -16.83 -8.59 -1.75
C SER A 94 -15.44 -9.17 -1.45
N ARG A 95 -14.89 -9.85 -2.46
CA ARG A 95 -13.53 -10.36 -2.35
C ARG A 95 -12.54 -9.24 -2.08
N VAL A 96 -12.64 -8.14 -2.82
CA VAL A 96 -11.63 -7.09 -2.67
C VAL A 96 -11.65 -6.51 -1.26
N TYR A 97 -12.84 -6.32 -0.67
CA TYR A 97 -12.92 -5.78 0.68
C TYR A 97 -12.30 -6.73 1.69
N LYS A 98 -12.65 -8.00 1.62
CA LYS A 98 -12.09 -8.96 2.58
C LYS A 98 -10.59 -9.15 2.37
N PHE A 99 -10.12 -9.13 1.11
CA PHE A 99 -8.69 -9.22 0.85
C PHE A 99 -7.96 -8.01 1.41
N CYS A 100 -8.56 -6.82 1.28
CA CYS A 100 -8.00 -5.62 1.89
C CYS A 100 -7.83 -5.79 3.40
N SER A 101 -8.86 -6.32 4.06
CA SER A 101 -8.80 -6.50 5.51
C SER A 101 -7.64 -7.40 5.90
N LYS A 102 -7.38 -8.46 5.11
CA LYS A 102 -6.24 -9.33 5.38
C LYS A 102 -4.92 -8.60 5.18
N LEU A 103 -4.79 -7.84 4.09
CA LEU A 103 -3.55 -7.08 3.87
C LEU A 103 -3.30 -6.09 5.00
N ALA A 104 -4.35 -5.47 5.54
CA ALA A 104 -4.17 -4.53 6.64
C ALA A 104 -3.64 -5.23 7.89
N GLU A 105 -4.10 -6.44 8.15
CA GLU A 105 -3.57 -7.21 9.28
C GLU A 105 -2.09 -7.53 9.07
N VAL A 106 -1.74 -8.00 7.86
CA VAL A 106 -0.34 -8.33 7.57
C VAL A 106 0.53 -7.08 7.70
N PHE A 107 0.09 -5.98 7.12
CA PHE A 107 0.89 -4.76 7.15
C PHE A 107 1.12 -4.28 8.57
N GLU A 108 0.07 -4.26 9.40
CA GLU A 108 0.24 -3.84 10.79
C GLU A 108 1.31 -4.66 11.49
N GLN A 109 1.34 -5.96 11.23
N GLN A 109 1.32 -5.97 11.24
CA GLN A 109 2.30 -6.84 11.89
CA GLN A 109 2.29 -6.85 11.88
C GLN A 109 3.73 -6.58 11.41
C GLN A 109 3.71 -6.54 11.42
N GLU A 110 3.89 -6.32 10.13
CA GLU A 110 5.24 -6.15 9.57
C GLU A 110 5.80 -4.75 9.85
N ILE A 111 4.95 -3.72 9.86
CA ILE A 111 5.46 -2.36 9.92
C ILE A 111 5.90 -1.97 11.33
N ASP A 112 5.30 -2.55 12.36
CA ASP A 112 5.62 -2.14 13.73
C ASP A 112 7.09 -2.33 14.10
N PRO A 113 7.69 -3.54 13.95
CA PRO A 113 9.11 -3.67 14.30
C PRO A 113 10.01 -2.82 13.45
N VAL A 114 9.62 -2.59 12.19
CA VAL A 114 10.42 -1.77 11.29
C VAL A 114 10.44 -0.32 11.75
N MET A 115 9.27 0.21 12.15
CA MET A 115 9.23 1.57 12.66
C MET A 115 10.06 1.71 13.94
N GLN A 116 10.04 0.70 14.81
CA GLN A 116 10.89 0.74 15.99
C GLN A 116 12.36 0.83 15.59
N SER A 117 12.75 0.14 14.52
CA SER A 117 14.15 0.12 14.14
C SER A 117 14.57 1.44 13.48
N LEU A 118 13.63 2.15 12.86
CA LEU A 118 13.93 3.40 12.18
C LEU A 118 13.98 4.61 13.12
N GLY A 119 13.50 4.46 14.36
CA GLY A 119 13.53 5.55 15.32
C GLY A 119 14.93 6.06 15.62
CAA E3B B . -14.18 -7.11 -8.63
CAB E3B B . -8.61 -2.22 -5.65
CAF E3B B . -7.63 -6.59 -10.30
CAG E3B B . -8.46 -5.61 -9.76
CAH E3B B . -12.03 -3.07 -7.16
CAI E3B B . -7.85 -7.93 -10.03
CAJ E3B B . -12.58 -4.00 -8.02
CAK E3B B . -9.77 -7.32 -8.70
CAL E3B B . -9.86 -4.06 -7.52
CAM E3B B . -13.72 -5.94 -9.49
CAN E3B B . -8.31 -11.94 -9.12
CAO E3B B . -8.60 -10.64 -9.86
CAP E3B B . -9.50 -12.35 -8.28
CAQ E3B B . -10.13 -9.99 -7.89
CAS E3B B . -10.12 -2.16 -5.98
CAT E3B B . -10.65 -3.09 -6.90
CAU E3B B . -9.55 -5.97 -8.97
CAV E3B B . -8.93 -8.30 -9.22
CAW E3B B . -11.77 -4.96 -8.63
CAX E3B B . -10.40 -5.00 -8.39
CAZ E3B B . -9.73 -11.29 -7.23
FAD E3B B . -8.59 -11.11 -6.49
FAE E3B B . -10.70 -11.64 -6.42
NAY E3B B . -9.18 -9.60 -8.97
OAC E3B B . -10.86 -1.41 -5.34
OAR E3B B . -12.28 -5.89 -9.49
#